data_8T8W
#
_entry.id   8T8W
#
_cell.length_a   63.084
_cell.length_b   104.244
_cell.length_c   102.402
_cell.angle_alpha   90.00
_cell.angle_beta   90.00
_cell.angle_gamma   90.00
#
_symmetry.space_group_name_H-M   'C 2 2 21'
#
loop_
_entity.id
_entity.type
_entity.pdbx_description
1 polymer Kinase
2 non-polymer "ADENOSINE-5'-TRIPHOSPHATE"
3 non-polymer 'CADMIUM ION'
4 non-polymer 'PHOSPHATE ION'
5 water water
#
_entity_poly.entity_id   1
_entity_poly.type   'polypeptide(L)'
_entity_poly.pdbx_seq_one_letter_code
;DITNMSNIDLQSSKSVADEVIADIAEIVNKESIRIFPRIAGRSYIIYGQTSGIICKRMEKSDNEFVIYNYISEHYDKFLK
KYVPKLYGKNNDMLLLEDLTYNYNNPNVMDVKIGARKRKSHTSGFFSIRGYTNSHDYKFDPDEYLTSESTINHIKNFMEA
GGENRDKTKQVLLKWIMKLSELANDLFEINLKFDGVSLIFIYDDDCSKCDVNVVDFSRVKLIDTNDQMTISAVTNLIKIL
SELADNPLN
;
_entity_poly.pdbx_strand_id   A
#
loop_
_chem_comp.id
_chem_comp.type
_chem_comp.name
_chem_comp.formula
ATP non-polymer ADENOSINE-5'-TRIPHOSPHATE 'C10 H16 N5 O13 P3'
CD non-polymer 'CADMIUM ION' 'Cd 2'
PO4 non-polymer 'PHOSPHATE ION' 'O4 P -3'
#
# COMPACT_ATOMS: atom_id res chain seq x y z
N SER A 32 -28.86 -2.71 0.64
CA SER A 32 -27.51 -2.97 1.26
C SER A 32 -26.42 -2.20 0.51
N ILE A 33 -26.04 -1.04 1.05
CA ILE A 33 -24.72 -0.42 0.84
C ILE A 33 -23.92 -0.70 2.11
N ARG A 34 -22.84 -1.50 2.01
CA ARG A 34 -21.96 -1.80 3.17
C ARG A 34 -20.66 -1.01 2.95
N ILE A 35 -20.41 -0.02 3.80
CA ILE A 35 -19.21 0.85 3.73
C ILE A 35 -17.98 -0.04 3.97
N PHE A 36 -16.94 0.14 3.19
CA PHE A 36 -15.73 -0.71 3.33
C PHE A 36 -14.89 -0.12 4.47
N PRO A 37 -14.39 -0.92 5.42
CA PRO A 37 -13.52 -0.37 6.46
C PRO A 37 -12.13 0.10 5.92
N ARG A 38 -12.02 1.34 5.47
CA ARG A 38 -10.76 1.89 4.92
C ARG A 38 -9.74 2.05 6.06
N ILE A 39 -8.46 2.03 5.74
CA ILE A 39 -7.41 2.43 6.70
C ILE A 39 -7.26 3.95 6.55
N ALA A 40 -7.21 4.50 5.34
CA ALA A 40 -6.93 5.93 5.11
C ALA A 40 -7.75 6.44 3.91
N GLY A 41 -7.55 7.71 3.59
CA GLY A 41 -8.13 8.39 2.43
C GLY A 41 -9.54 8.86 2.73
N ARG A 42 -10.15 9.51 1.74
CA ARG A 42 -11.47 10.16 1.90
C ARG A 42 -12.41 9.72 0.77
N SER A 43 -11.97 8.88 -0.18
N SER A 43 -11.96 8.84 -0.14
CA SER A 43 -12.86 8.41 -1.28
CA SER A 43 -12.81 8.29 -1.24
C SER A 43 -13.96 7.53 -0.69
C SER A 43 -13.98 7.51 -0.65
N TYR A 44 -15.11 7.52 -1.36
CA TYR A 44 -16.22 6.61 -1.06
C TYR A 44 -15.85 5.20 -1.57
N ILE A 45 -15.70 4.26 -0.66
CA ILE A 45 -15.39 2.85 -1.02
C ILE A 45 -16.41 1.99 -0.32
N ILE A 46 -17.07 1.12 -1.07
CA ILE A 46 -18.06 0.18 -0.49
C ILE A 46 -17.73 -1.25 -0.91
N TYR A 47 -18.27 -2.20 -0.18
CA TYR A 47 -18.29 -3.61 -0.58
C TYR A 47 -19.06 -3.70 -1.90
N GLY A 48 -18.54 -4.53 -2.81
CA GLY A 48 -19.30 -4.97 -3.98
C GLY A 48 -20.56 -5.73 -3.51
N GLN A 49 -21.54 -5.85 -4.37
CA GLN A 49 -22.75 -6.68 -4.12
C GLN A 49 -22.35 -8.15 -4.12
N THR A 50 -21.21 -8.49 -4.69
CA THR A 50 -20.72 -9.87 -4.73
C THR A 50 -19.37 -9.95 -3.97
N SER A 51 -18.93 -11.17 -3.68
CA SER A 51 -17.74 -11.54 -2.87
C SER A 51 -16.45 -11.10 -3.52
N GLY A 52 -15.53 -10.54 -2.74
CA GLY A 52 -14.13 -10.36 -3.16
C GLY A 52 -13.93 -9.06 -3.94
N ILE A 53 -14.93 -8.19 -3.97
CA ILE A 53 -14.88 -6.98 -4.82
C ILE A 53 -15.11 -5.78 -3.92
N ILE A 54 -14.38 -4.70 -4.14
CA ILE A 54 -14.74 -3.39 -3.54
C ILE A 54 -14.99 -2.41 -4.68
N CYS A 55 -15.78 -1.38 -4.42
CA CYS A 55 -16.14 -0.36 -5.42
C CYS A 55 -15.62 0.97 -4.87
N LYS A 56 -14.74 1.60 -5.62
CA LYS A 56 -14.12 2.88 -5.27
C LYS A 56 -14.64 3.91 -6.24
N ARG A 57 -15.27 4.96 -5.68
CA ARG A 57 -15.73 6.09 -6.50
C ARG A 57 -14.55 6.95 -6.96
N MET A 58 -14.49 7.23 -8.25
CA MET A 58 -13.52 8.20 -8.80
C MET A 58 -14.13 9.59 -8.58
N GLU A 59 -13.63 10.34 -7.60
CA GLU A 59 -14.30 11.56 -7.05
C GLU A 59 -14.04 12.74 -7.99
N LYS A 60 -12.81 12.92 -8.48
CA LYS A 60 -12.35 14.20 -9.10
C LYS A 60 -12.25 14.09 -10.60
N SER A 61 -11.70 12.99 -11.11
CA SER A 61 -11.56 12.70 -12.55
C SER A 61 -11.49 11.18 -12.74
N ASP A 62 -11.49 10.73 -13.97
CA ASP A 62 -11.32 9.30 -14.35
C ASP A 62 -9.84 8.95 -14.55
N ASN A 63 -8.91 9.80 -14.11
CA ASN A 63 -7.47 9.55 -14.28
C ASN A 63 -7.10 8.16 -13.73
N GLU A 64 -7.67 7.71 -12.61
CA GLU A 64 -7.25 6.42 -12.03
C GLU A 64 -7.53 5.29 -13.04
N PHE A 65 -8.70 5.33 -13.65
CA PHE A 65 -9.12 4.40 -14.73
C PHE A 65 -8.18 4.53 -15.94
N VAL A 66 -7.88 5.76 -16.39
CA VAL A 66 -6.96 5.99 -17.55
C VAL A 66 -5.60 5.33 -17.24
N ILE A 67 -5.10 5.50 -16.00
CA ILE A 67 -3.81 4.93 -15.60
C ILE A 67 -3.90 3.40 -15.50
N TYR A 68 -4.94 2.81 -14.88
CA TYR A 68 -5.04 1.33 -14.83
C TYR A 68 -4.93 0.81 -16.26
N ASN A 69 -5.65 1.41 -17.21
CA ASN A 69 -5.71 0.99 -18.65
C ASN A 69 -4.34 1.18 -19.30
N TYR A 70 -3.67 2.30 -19.06
CA TYR A 70 -2.30 2.54 -19.57
C TYR A 70 -1.33 1.49 -19.04
N ILE A 71 -1.40 1.16 -17.76
CA ILE A 71 -0.45 0.20 -17.18
C ILE A 71 -0.76 -1.17 -17.81
N SER A 72 -2.03 -1.51 -17.96
CA SER A 72 -2.44 -2.79 -18.56
C SER A 72 -1.82 -2.96 -19.96
N GLU A 73 -1.79 -1.87 -20.73
CA GLU A 73 -1.35 -1.93 -22.13
C GLU A 73 0.17 -1.86 -22.19
N HIS A 74 0.87 -1.12 -21.32
CA HIS A 74 2.32 -0.88 -21.48
C HIS A 74 3.17 -1.64 -20.46
N TYR A 75 2.65 -1.99 -19.28
CA TYR A 75 3.48 -2.66 -18.24
C TYR A 75 2.66 -3.77 -17.60
N ASP A 76 2.17 -4.72 -18.39
CA ASP A 76 1.17 -5.71 -17.92
C ASP A 76 1.81 -6.56 -16.80
N LYS A 77 3.12 -6.78 -16.82
CA LYS A 77 3.76 -7.63 -15.79
C LYS A 77 3.67 -6.89 -14.48
N PHE A 78 3.89 -5.57 -14.49
CA PHE A 78 3.83 -4.74 -13.26
C PHE A 78 2.41 -4.85 -12.64
N LEU A 79 1.40 -4.72 -13.48
CA LEU A 79 -0.03 -4.80 -13.05
C LEU A 79 -0.32 -6.15 -12.41
N LYS A 80 0.12 -7.25 -13.03
CA LYS A 80 -0.14 -8.61 -12.54
C LYS A 80 0.56 -8.84 -11.20
N LYS A 81 1.78 -8.38 -11.02
CA LYS A 81 2.50 -8.70 -9.77
C LYS A 81 2.06 -7.80 -8.60
N TYR A 82 1.84 -6.49 -8.79
CA TYR A 82 1.90 -5.48 -7.69
C TYR A 82 0.58 -4.76 -7.44
N VAL A 83 -0.47 -5.00 -8.20
CA VAL A 83 -1.67 -4.11 -8.20
C VAL A 83 -2.91 -4.98 -8.06
N PRO A 84 -3.91 -4.55 -7.28
CA PRO A 84 -5.21 -5.23 -7.29
C PRO A 84 -5.75 -5.26 -8.71
N LYS A 85 -6.45 -6.35 -9.02
CA LYS A 85 -7.15 -6.50 -10.31
C LYS A 85 -8.25 -5.46 -10.38
N LEU A 86 -8.34 -4.82 -11.53
CA LEU A 86 -9.47 -3.97 -11.88
C LEU A 86 -10.43 -4.86 -12.66
N TYR A 87 -11.56 -5.21 -12.10
CA TYR A 87 -12.52 -6.13 -12.80
C TYR A 87 -13.36 -5.39 -13.84
N GLY A 88 -13.57 -4.10 -13.64
CA GLY A 88 -14.36 -3.32 -14.59
C GLY A 88 -14.76 -2.00 -13.98
N LYS A 89 -15.70 -1.33 -14.62
CA LYS A 89 -16.11 0.02 -14.22
C LYS A 89 -17.63 0.08 -14.30
N ASN A 90 -18.25 0.74 -13.34
CA ASN A 90 -19.72 1.00 -13.35
C ASN A 90 -19.91 2.50 -13.10
N ASN A 91 -20.12 3.26 -14.17
CA ASN A 91 -20.30 4.73 -14.10
C ASN A 91 -18.98 5.30 -13.54
N ASP A 92 -19.01 5.85 -12.33
CA ASP A 92 -17.82 6.47 -11.72
C ASP A 92 -17.14 5.49 -10.72
N MET A 93 -17.59 4.24 -10.64
CA MET A 93 -17.11 3.26 -9.64
C MET A 93 -16.12 2.30 -10.33
N LEU A 94 -14.94 2.13 -9.72
CA LEU A 94 -13.98 1.06 -10.09
C LEU A 94 -14.27 -0.20 -9.28
N LEU A 95 -14.44 -1.33 -9.97
CA LEU A 95 -14.64 -2.63 -9.28
C LEU A 95 -13.26 -3.25 -9.14
N LEU A 96 -12.75 -3.32 -7.92
CA LEU A 96 -11.36 -3.70 -7.64
C LEU A 96 -11.38 -4.95 -6.79
N GLU A 97 -10.31 -5.73 -6.96
CA GLU A 97 -10.01 -6.85 -6.08
C GLU A 97 -9.90 -6.33 -4.64
N ASP A 98 -10.61 -7.00 -3.72
CA ASP A 98 -10.50 -6.72 -2.28
C ASP A 98 -9.25 -7.45 -1.78
N LEU A 99 -8.21 -6.70 -1.49
CA LEU A 99 -6.91 -7.25 -1.03
C LEU A 99 -7.06 -7.86 0.35
N THR A 100 -8.15 -7.61 1.08
CA THR A 100 -8.33 -8.20 2.45
C THR A 100 -9.18 -9.47 2.38
N TYR A 101 -9.68 -9.84 1.20
CA TYR A 101 -10.75 -10.86 1.12
C TYR A 101 -10.25 -12.21 1.64
N ASN A 102 -9.05 -12.62 1.29
CA ASN A 102 -8.67 -14.02 1.65
C ASN A 102 -8.08 -14.10 3.07
N TYR A 103 -8.39 -13.17 3.97
CA TYR A 103 -7.77 -13.13 5.31
C TYR A 103 -8.86 -13.38 6.34
N ASN A 104 -8.58 -14.26 7.30
CA ASN A 104 -9.44 -14.43 8.50
C ASN A 104 -9.44 -13.16 9.33
N ASN A 105 -8.27 -12.64 9.71
CA ASN A 105 -8.21 -11.46 10.59
C ASN A 105 -7.15 -10.49 10.05
N PRO A 106 -7.42 -9.75 8.98
CA PRO A 106 -6.36 -8.97 8.34
C PRO A 106 -5.94 -7.79 9.23
N ASN A 107 -4.64 -7.56 9.31
CA ASN A 107 -4.02 -6.30 9.76
C ASN A 107 -3.48 -5.57 8.53
N VAL A 108 -3.85 -4.31 8.36
CA VAL A 108 -3.58 -3.49 7.16
C VAL A 108 -2.80 -2.25 7.56
N MET A 109 -1.71 -1.96 6.85
CA MET A 109 -1.02 -0.66 6.96
C MET A 109 -0.99 -0.02 5.57
N ASP A 110 -1.29 1.26 5.51
CA ASP A 110 -1.30 2.10 4.29
C ASP A 110 -0.09 3.00 4.42
N VAL A 111 0.89 2.83 3.53
CA VAL A 111 2.06 3.71 3.47
C VAL A 111 2.03 4.45 2.16
N LYS A 112 1.97 5.79 2.22
CA LYS A 112 2.08 6.64 1.01
C LYS A 112 3.53 6.70 0.57
N ILE A 113 3.84 6.23 -0.64
CA ILE A 113 5.23 6.14 -1.16
C ILE A 113 5.43 7.12 -2.32
N GLY A 114 4.39 7.50 -3.03
CA GLY A 114 4.47 8.56 -4.05
C GLY A 114 4.45 9.95 -3.42
N ALA A 115 4.77 10.97 -4.19
CA ALA A 115 4.84 12.36 -3.70
C ALA A 115 3.44 12.74 -3.22
N ARG A 116 3.36 13.46 -2.10
CA ARG A 116 2.08 14.04 -1.61
C ARG A 116 1.72 15.29 -2.42
N LYS A 117 0.50 15.79 -2.31
CA LYS A 117 0.08 16.91 -3.18
C LYS A 117 0.90 18.14 -2.84
N ARG A 118 1.04 18.52 -1.56
CA ARG A 118 1.74 19.80 -1.21
C ARG A 118 2.73 19.54 -0.07
N LYS A 119 2.35 18.74 0.92
CA LYS A 119 3.14 18.50 2.16
C LYS A 119 4.37 17.62 1.89
N SER A 120 5.43 17.77 2.67
CA SER A 120 6.55 16.81 2.71
C SER A 120 6.09 15.53 3.43
N HIS A 121 6.78 14.41 3.22
CA HIS A 121 6.48 13.11 3.87
C HIS A 121 6.67 13.24 5.38
N THR A 122 5.81 12.58 6.15
CA THR A 122 5.89 12.51 7.63
C THR A 122 7.07 11.65 8.08
N SER A 123 7.57 10.71 7.28
CA SER A 123 8.76 9.90 7.66
C SER A 123 9.89 10.10 6.66
N GLY A 124 9.99 11.24 6.02
CA GLY A 124 11.14 11.59 5.14
C GLY A 124 10.92 11.13 3.71
N PHE A 125 11.02 9.82 3.47
CA PHE A 125 10.84 9.20 2.12
C PHE A 125 9.41 8.68 1.88
N PHE A 126 8.59 8.54 2.92
CA PHE A 126 7.23 8.00 2.79
C PHE A 126 6.42 8.53 3.98
N SER A 127 5.12 8.27 3.95
CA SER A 127 4.21 8.66 5.06
C SER A 127 3.27 7.52 5.41
N ILE A 128 3.38 7.02 6.64
CA ILE A 128 2.41 6.01 7.11
C ILE A 128 1.09 6.77 7.22
N ARG A 129 0.06 6.31 6.55
CA ARG A 129 -1.25 6.99 6.54
C ARG A 129 -2.14 6.40 7.64
N GLY A 130 -1.89 5.16 8.02
CA GLY A 130 -2.67 4.50 9.07
C GLY A 130 -2.40 3.00 9.11
N TYR A 131 -2.88 2.35 10.16
CA TYR A 131 -2.80 0.90 10.29
C TYR A 131 -3.82 0.38 11.30
N THR A 132 -4.11 -0.90 11.23
CA THR A 132 -5.09 -1.57 12.08
C THR A 132 -4.61 -1.34 13.53
N ASN A 133 -5.48 -0.86 14.39
CA ASN A 133 -5.27 -0.67 15.86
C ASN A 133 -4.37 0.54 16.13
N SER A 134 -4.11 1.42 15.16
CA SER A 134 -3.18 2.56 15.37
C SER A 134 -3.67 3.48 16.50
N HIS A 135 -4.97 3.60 16.69
CA HIS A 135 -5.58 4.44 17.75
C HIS A 135 -5.02 4.00 19.10
N ASP A 136 -4.84 2.70 19.36
CA ASP A 136 -4.24 2.16 20.61
C ASP A 136 -2.83 2.74 20.85
N TYR A 137 -2.13 3.20 19.82
CA TYR A 137 -0.71 3.60 19.91
C TYR A 137 -0.61 5.12 19.80
N LYS A 138 -1.74 5.81 19.77
CA LYS A 138 -1.82 7.27 19.60
C LYS A 138 -1.14 7.68 18.31
N PHE A 139 -1.34 6.90 17.26
CA PHE A 139 -0.83 7.27 15.94
C PHE A 139 -1.59 8.50 15.44
N ASP A 140 -0.90 9.46 14.87
CA ASP A 140 -1.52 10.66 14.28
C ASP A 140 -0.94 10.84 12.90
N PRO A 141 -1.70 10.73 11.78
CA PRO A 141 -1.11 10.81 10.44
C PRO A 141 -0.53 12.19 10.10
N ASP A 142 -0.84 13.20 10.88
CA ASP A 142 -0.33 14.57 10.63
C ASP A 142 0.99 14.76 11.34
N GLU A 143 1.40 13.86 12.24
CA GLU A 143 2.64 14.03 13.02
C GLU A 143 3.87 13.69 12.16
N TYR A 144 4.83 14.63 12.08
CA TYR A 144 6.18 14.39 11.50
C TYR A 144 6.96 13.50 12.47
N LEU A 145 7.61 12.44 11.98
CA LEU A 145 8.20 11.40 12.86
C LEU A 145 9.72 11.41 12.72
N THR A 146 10.44 11.12 13.80
CA THR A 146 11.89 10.78 13.73
C THR A 146 11.97 9.38 13.11
N SER A 147 13.16 8.92 12.73
CA SER A 147 13.40 7.53 12.27
C SER A 147 12.96 6.56 13.35
N GLU A 148 13.24 6.88 14.60
CA GLU A 148 12.95 5.93 15.69
C GLU A 148 11.42 5.79 15.86
N SER A 149 10.67 6.88 15.73
CA SER A 149 9.20 6.83 15.88
C SER A 149 8.61 6.08 14.67
N THR A 150 9.13 6.35 13.45
CA THR A 150 8.72 5.63 12.21
C THR A 150 8.82 4.12 12.47
N ILE A 151 9.97 3.67 12.92
CA ILE A 151 10.26 2.23 13.12
C ILE A 151 9.31 1.73 14.19
N ASN A 152 9.11 2.48 15.26
CA ASN A 152 8.19 2.07 16.37
C ASN A 152 6.78 1.84 15.82
N HIS A 153 6.27 2.69 14.94
CA HIS A 153 4.87 2.56 14.45
C HIS A 153 4.76 1.31 13.57
N ILE A 154 5.81 1.01 12.81
CA ILE A 154 5.84 -0.27 12.03
C ILE A 154 5.87 -1.45 12.98
N LYS A 155 6.70 -1.41 14.04
CA LYS A 155 6.65 -2.47 15.09
C LYS A 155 5.27 -2.54 15.74
N ASN A 156 4.62 -1.40 16.00
CA ASN A 156 3.25 -1.36 16.56
C ASN A 156 2.30 -2.14 15.63
N PHE A 157 2.36 -1.87 14.33
CA PHE A 157 1.54 -2.57 13.31
C PHE A 157 1.74 -4.07 13.40
N MET A 158 2.95 -4.53 13.61
CA MET A 158 3.33 -5.98 13.65
C MET A 158 2.93 -6.61 15.01
N GLU A 159 2.47 -5.87 16.02
CA GLU A 159 2.22 -6.48 17.37
C GLU A 159 1.04 -7.45 17.35
N ALA A 160 -0.02 -7.17 16.59
CA ALA A 160 -1.20 -8.07 16.49
C ALA A 160 -0.77 -9.45 15.94
N GLY A 161 0.37 -9.52 15.25
CA GLY A 161 0.97 -10.78 14.74
C GLY A 161 1.49 -11.68 15.85
N GLY A 162 1.72 -11.12 17.04
CA GLY A 162 1.90 -11.90 18.27
C GLY A 162 3.35 -12.29 18.50
N GLU A 163 3.53 -13.26 19.42
CA GLU A 163 4.78 -13.50 20.18
C GLU A 163 5.69 -14.43 19.37
N ASN A 164 5.19 -15.06 18.29
CA ASN A 164 6.03 -15.96 17.46
C ASN A 164 6.93 -15.07 16.59
N ARG A 165 8.12 -14.75 17.11
CA ARG A 165 9.18 -13.98 16.43
C ARG A 165 9.44 -14.60 15.04
N ASP A 166 9.52 -15.93 14.95
CA ASP A 166 9.82 -16.65 13.69
C ASP A 166 8.75 -16.38 12.64
N LYS A 167 7.48 -16.35 13.02
CA LYS A 167 6.38 -16.08 12.07
C LYS A 167 6.43 -14.61 11.65
N THR A 168 6.75 -13.68 12.54
CA THR A 168 6.81 -12.25 12.19
C THR A 168 8.02 -12.02 11.25
N LYS A 169 9.13 -12.70 11.48
CA LYS A 169 10.30 -12.62 10.58
C LYS A 169 9.92 -13.03 9.16
N GLN A 170 9.21 -14.14 9.02
CA GLN A 170 8.76 -14.69 7.73
C GLN A 170 7.87 -13.67 7.02
N VAL A 171 6.93 -13.04 7.72
CA VAL A 171 6.09 -11.98 7.12
C VAL A 171 7.01 -10.84 6.63
N LEU A 172 7.93 -10.40 7.45
CA LEU A 172 8.81 -9.30 7.03
C LEU A 172 9.60 -9.72 5.76
N LEU A 173 10.19 -10.90 5.78
CA LEU A 173 11.03 -11.41 4.65
C LEU A 173 10.19 -11.53 3.38
N LYS A 174 8.93 -11.95 3.48
CA LYS A 174 8.11 -12.05 2.27
C LYS A 174 7.74 -10.65 1.74
N TRP A 175 7.53 -9.67 2.60
CA TRP A 175 7.36 -8.27 2.17
C TRP A 175 8.66 -7.76 1.51
N ILE A 176 9.78 -8.07 2.11
CA ILE A 176 11.10 -7.61 1.57
C ILE A 176 11.32 -8.25 0.17
N MET A 177 10.93 -9.49 0.01
CA MET A 177 11.07 -10.16 -1.29
C MET A 177 10.29 -9.40 -2.36
N LYS A 178 9.02 -9.08 -2.11
CA LYS A 178 8.15 -8.43 -3.10
C LYS A 178 8.56 -6.95 -3.29
N LEU A 179 8.92 -6.25 -2.24
CA LEU A 179 9.25 -4.82 -2.36
C LEU A 179 10.59 -4.66 -3.14
N SER A 180 11.52 -5.58 -2.92
N SER A 180 11.53 -5.58 -2.95
CA SER A 180 12.83 -5.60 -3.63
CA SER A 180 12.85 -5.50 -3.64
C SER A 180 12.57 -5.66 -5.12
C SER A 180 12.65 -5.72 -5.13
N GLU A 181 11.74 -6.63 -5.51
CA GLU A 181 11.41 -6.87 -6.91
C GLU A 181 10.69 -5.63 -7.44
N LEU A 182 9.82 -5.03 -6.64
CA LEU A 182 9.09 -3.80 -7.06
C LEU A 182 10.10 -2.68 -7.35
N ALA A 183 11.02 -2.42 -6.43
CA ALA A 183 12.01 -1.33 -6.55
C ALA A 183 12.86 -1.59 -7.80
N ASN A 184 13.30 -2.83 -8.00
CA ASN A 184 14.04 -3.24 -9.21
C ASN A 184 13.24 -2.89 -10.48
N ASP A 185 11.99 -3.32 -10.56
CA ASP A 185 11.05 -3.11 -11.69
C ASP A 185 10.71 -1.63 -11.92
N LEU A 186 10.63 -0.81 -10.88
CA LEU A 186 10.33 0.63 -11.01
C LEU A 186 11.41 1.35 -11.86
N PHE A 187 12.64 0.87 -11.91
CA PHE A 187 13.71 1.54 -12.70
C PHE A 187 13.29 1.58 -14.17
N GLU A 188 12.44 0.67 -14.62
CA GLU A 188 12.08 0.54 -16.05
C GLU A 188 10.67 1.08 -16.34
N ILE A 189 10.06 1.83 -15.43
CA ILE A 189 8.65 2.28 -15.60
C ILE A 189 8.64 3.80 -15.66
N ASN A 190 8.21 4.36 -16.80
CA ASN A 190 8.18 5.83 -17.04
C ASN A 190 6.87 6.42 -16.52
N LEU A 191 6.65 6.33 -15.22
CA LEU A 191 5.46 6.93 -14.60
C LEU A 191 5.92 7.66 -13.36
N LYS A 192 5.27 8.76 -13.07
CA LYS A 192 5.43 9.47 -11.78
C LYS A 192 4.27 9.02 -10.91
N PHE A 193 4.59 8.21 -9.91
CA PHE A 193 3.62 7.52 -9.02
C PHE A 193 3.17 8.47 -7.89
N ASP A 194 2.84 9.71 -8.25
CA ASP A 194 2.32 10.71 -7.28
C ASP A 194 1.15 10.09 -6.53
N GLY A 195 1.15 10.15 -5.19
CA GLY A 195 -0.03 9.82 -4.37
C GLY A 195 -0.21 8.32 -4.15
N VAL A 196 0.61 7.45 -4.75
CA VAL A 196 0.34 6.00 -4.61
C VAL A 196 0.69 5.49 -3.21
N SER A 197 -0.01 4.46 -2.78
CA SER A 197 0.22 3.83 -1.47
C SER A 197 0.54 2.35 -1.61
N LEU A 198 1.29 1.86 -0.66
CA LEU A 198 1.55 0.42 -0.47
C LEU A 198 0.54 -0.02 0.59
N ILE A 199 -0.18 -1.09 0.33
CA ILE A 199 -1.09 -1.68 1.32
C ILE A 199 -0.44 -2.98 1.81
N PHE A 200 0.07 -2.94 3.02
CA PHE A 200 0.70 -4.10 3.69
C PHE A 200 -0.39 -4.85 4.45
N ILE A 201 -0.52 -6.18 4.26
CA ILE A 201 -1.55 -7.01 4.93
C ILE A 201 -0.85 -8.25 5.49
N TYR A 202 -1.18 -8.64 6.72
CA TYR A 202 -0.87 -9.98 7.27
C TYR A 202 -2.07 -10.43 8.11
N ASP A 203 -2.27 -11.74 8.18
CA ASP A 203 -3.32 -12.40 8.98
C ASP A 203 -2.79 -12.45 10.43
N ASP A 204 -3.67 -12.33 11.40
CA ASP A 204 -3.32 -12.34 12.85
C ASP A 204 -2.40 -13.52 13.18
N ASP A 205 -2.69 -14.69 12.63
CA ASP A 205 -1.91 -15.94 12.81
C ASP A 205 -0.59 -15.96 11.99
N CYS A 206 -0.21 -14.87 11.31
CA CYS A 206 0.96 -14.77 10.38
C CYS A 206 1.01 -15.92 9.34
N SER A 207 -0.10 -16.57 9.00
CA SER A 207 -0.06 -17.68 8.01
C SER A 207 0.07 -17.11 6.58
N LYS A 208 -0.20 -15.81 6.37
CA LYS A 208 0.01 -15.24 5.02
C LYS A 208 0.08 -13.72 5.04
N CYS A 209 0.68 -13.18 3.98
CA CYS A 209 0.84 -11.72 3.89
C CYS A 209 1.03 -11.33 2.45
N ASP A 210 0.91 -10.03 2.21
CA ASP A 210 1.14 -9.45 0.87
C ASP A 210 1.31 -7.95 1.03
N VAL A 211 1.82 -7.36 -0.03
CA VAL A 211 1.89 -5.91 -0.20
C VAL A 211 1.66 -5.62 -1.66
N ASN A 212 0.83 -4.61 -1.92
CA ASN A 212 0.42 -4.21 -3.28
C ASN A 212 0.36 -2.68 -3.33
N VAL A 213 0.47 -2.15 -4.53
CA VAL A 213 0.40 -0.70 -4.86
C VAL A 213 -1.05 -0.36 -5.17
N VAL A 214 -1.59 0.67 -4.52
CA VAL A 214 -2.95 1.15 -4.83
C VAL A 214 -2.95 2.67 -4.99
N ASP A 215 -3.98 3.15 -5.66
CA ASP A 215 -4.39 4.56 -5.76
C ASP A 215 -3.59 5.25 -6.83
N PHE A 216 -4.05 5.12 -8.05
CA PHE A 216 -3.41 5.65 -9.27
C PHE A 216 -4.05 6.99 -9.66
N SER A 217 -4.86 7.61 -8.78
CA SER A 217 -5.68 8.77 -9.22
C SER A 217 -4.78 9.96 -9.62
N ARG A 218 -3.54 10.09 -9.12
CA ARG A 218 -2.66 11.26 -9.45
C ARG A 218 -1.43 10.83 -10.25
N VAL A 219 -1.39 9.60 -10.73
CA VAL A 219 -0.19 9.09 -11.44
C VAL A 219 -0.11 9.78 -12.82
N LYS A 220 1.09 10.05 -13.32
CA LYS A 220 1.36 10.85 -14.53
C LYS A 220 2.36 10.12 -15.42
N LEU A 221 2.21 10.26 -16.72
CA LEU A 221 3.24 9.82 -17.72
C LEU A 221 4.43 10.75 -17.67
N ILE A 222 5.65 10.20 -17.67
CA ILE A 222 6.91 10.99 -17.70
C ILE A 222 7.89 10.24 -18.62
N ASP A 223 9.07 10.81 -18.85
CA ASP A 223 10.04 10.27 -19.83
C ASP A 223 11.19 9.63 -19.06
N THR A 224 11.09 9.54 -17.74
CA THR A 224 12.07 8.79 -16.92
C THR A 224 11.34 7.95 -15.87
N ASN A 225 12.12 7.26 -15.04
CA ASN A 225 11.61 6.50 -13.87
C ASN A 225 11.37 7.52 -12.75
N ASP A 226 10.75 7.09 -11.66
CA ASP A 226 10.39 7.96 -10.52
C ASP A 226 11.33 7.63 -9.38
N GLN A 227 12.39 8.43 -9.23
CA GLN A 227 13.45 8.17 -8.25
C GLN A 227 12.91 8.35 -6.84
N MET A 228 12.01 9.31 -6.64
CA MET A 228 11.47 9.61 -5.30
C MET A 228 10.71 8.36 -4.81
N THR A 229 9.87 7.79 -5.66
CA THR A 229 9.08 6.59 -5.30
C THR A 229 10.04 5.42 -5.07
N ILE A 230 11.06 5.23 -5.93
CA ILE A 230 12.08 4.18 -5.73
C ILE A 230 12.74 4.38 -4.35
N SER A 231 13.06 5.62 -3.95
CA SER A 231 13.68 5.92 -2.65
C SER A 231 12.75 5.56 -1.51
N ALA A 232 11.45 5.84 -1.66
CA ALA A 232 10.48 5.43 -0.63
C ALA A 232 10.60 3.90 -0.42
N VAL A 233 10.57 3.13 -1.51
CA VAL A 233 10.57 1.64 -1.43
C VAL A 233 11.90 1.15 -0.86
N THR A 234 13.05 1.64 -1.34
CA THR A 234 14.35 1.21 -0.80
C THR A 234 14.47 1.59 0.67
N ASN A 235 13.90 2.70 1.13
CA ASN A 235 13.98 3.07 2.56
C ASN A 235 13.16 2.08 3.40
N LEU A 236 12.00 1.67 2.89
CA LEU A 236 11.14 0.67 3.56
C LEU A 236 11.90 -0.65 3.64
N ILE A 237 12.53 -1.04 2.55
CA ILE A 237 13.30 -2.31 2.49
C ILE A 237 14.36 -2.26 3.56
N LYS A 238 15.07 -1.14 3.67
CA LYS A 238 16.11 -1.03 4.68
C LYS A 238 15.49 -1.22 6.06
N ILE A 239 14.42 -0.51 6.35
CA ILE A 239 13.78 -0.55 7.70
C ILE A 239 13.30 -1.96 8.01
N LEU A 240 12.59 -2.58 7.07
CA LEU A 240 12.05 -3.95 7.33
C LEU A 240 13.21 -4.94 7.49
N SER A 241 14.29 -4.74 6.74
N SER A 241 14.29 -4.76 6.74
CA SER A 241 15.46 -5.66 6.79
CA SER A 241 15.44 -5.70 6.82
C SER A 241 16.11 -5.58 8.19
C SER A 241 16.09 -5.59 8.21
N GLU A 242 16.21 -4.37 8.74
CA GLU A 242 16.72 -4.15 10.13
C GLU A 242 15.81 -4.86 11.13
N LEU A 243 14.49 -4.75 10.95
CA LEU A 243 13.52 -5.44 11.83
C LEU A 243 13.65 -6.94 11.68
N ALA A 244 13.82 -7.47 10.47
CA ALA A 244 13.92 -8.93 10.29
C ALA A 244 15.23 -9.44 10.89
N ASP A 245 16.27 -8.63 10.97
CA ASP A 245 17.59 -9.13 11.46
C ASP A 245 17.75 -8.86 12.97
N ASN A 246 16.91 -8.03 13.55
CA ASN A 246 17.10 -7.64 14.97
C ASN A 246 16.98 -8.91 15.83
N PRO A 247 17.93 -9.20 16.75
CA PRO A 247 17.77 -10.33 17.69
C PRO A 247 16.65 -10.11 18.73
PG ATP B . -8.41 9.17 -3.65
PG ATP B . -6.93 10.25 -0.87
O1G ATP B . -7.54 10.11 -2.93
O1G ATP B . -6.39 10.71 -2.16
O2G ATP B . -9.79 9.69 -3.89
O2G ATP B . -6.00 10.51 0.27
O3G ATP B . -7.86 8.63 -4.86
O3G ATP B . -8.30 10.76 -0.57
PB ATP B . -8.31 7.29 -1.21
PB ATP B . -8.00 7.67 -1.93
O1B ATP B . -7.04 7.76 -0.69
O1B ATP B . -9.39 8.08 -1.50
O2B ATP B . -9.52 7.39 -0.36
O2B ATP B . -7.67 7.79 -3.40
O3B ATP B . -8.63 7.91 -2.67
O3B ATP B . -6.98 8.58 -1.09
PA ATP B . -7.19 4.61 -1.79
PA ATP B . -7.03 4.80 -1.79
O1A ATP B . -7.21 3.89 -3.13
O1A ATP B . -7.35 4.32 -3.18
O2A ATP B . -5.90 5.12 -1.27
O2A ATP B . -5.62 5.06 -1.45
O3A ATP B . -8.28 5.79 -1.79
O3A ATP B . -7.90 6.13 -1.47
O5' ATP B . -7.81 3.64 -0.70
O5' ATP B . -7.60 3.73 -0.75
C5' ATP B . -7.82 4.07 0.67
C5' ATP B . -8.00 4.13 0.58
C4' ATP B . -8.00 2.88 1.56
C4' ATP B . -7.95 2.92 1.49
O4' ATP B . -8.88 1.90 0.96
O4' ATP B . -8.79 1.86 0.98
C3' ATP B . -6.70 2.14 1.88
C3' ATP B . -6.57 2.29 1.68
O3' ATP B . -6.09 2.73 3.02
O3' ATP B . -5.85 2.95 2.71
C2' ATP B . -7.22 0.72 2.17
C2' ATP B . -6.94 0.85 2.07
O2' ATP B . -7.65 0.57 3.51
O2' ATP B . -7.22 0.68 3.44
C1' ATP B . -8.40 0.60 1.21
C1' ATP B . -8.19 0.60 1.23
N9 ATP B . -8.16 0.00 -0.10
N9 ATP B . -7.97 -0.03 -0.06
C8 ATP B . -8.07 0.66 -1.30
C8 ATP B . -7.62 0.57 -1.25
N7 ATP B . -7.95 -0.16 -2.32
N7 ATP B . -7.56 -0.27 -2.25
C5 ATP B . -8.04 -1.42 -1.74
C5 ATP B . -7.96 -1.48 -1.70
C6 ATP B . -8.03 -2.70 -2.31
C6 ATP B . -8.14 -2.76 -2.25
N6 ATP B . -8.01 -2.93 -3.62
N6 ATP B . -7.99 -3.04 -3.55
N1 ATP B . -8.17 -3.75 -1.45
N1 ATP B . -8.54 -3.75 -1.40
C2 ATP B . -8.29 -3.49 -0.14
C2 ATP B . -8.75 -3.44 -0.12
N3 ATP B . -8.28 -2.33 0.50
N3 ATP B . -8.60 -2.29 0.51
C4 ATP B . -8.17 -1.33 -0.37
C4 ATP B . -8.21 -1.33 -0.35
CD CD C . -4.73 7.08 -1.15
CD CD D . -5.86 9.27 -4.57
CD CD E . -4.99 -17.07 7.54
P PO4 F . -4.77 12.61 1.44
O1 PO4 F . -3.77 11.47 1.41
O2 PO4 F . -4.88 13.23 0.04
O3 PO4 F . -4.27 13.69 2.43
O4 PO4 F . -6.17 12.10 1.88
P PO4 G . -1.84 14.28 0.52
O1 PO4 G . -1.49 14.08 -0.92
O2 PO4 G . -1.61 12.96 1.31
O3 PO4 G . -0.98 15.38 1.13
O4 PO4 G . -3.28 14.71 0.62
#